data_5I1M
#
_entry.id   5I1M
#
_entity_poly.entity_id   1
_entity_poly.type   'polypeptide(L)'
_entity_poly.pdbx_seq_one_letter_code
;TNKFTAGFQSICDCYGIAQYREINAGLPTIVTFPFMFAIMFGDMGHGFLMTLAALSLVLNEKKINKMKRGEIFDMAFTGR
YIILLMGVFSMYTGFLYNDIFSKTMTIFKSGWKWPDHWKKGESITATSVGTYPIGLDWAWHGTENALLFSNSYKMKLSIL
MGFIHMTYSYFFSLANHLYFNSMIDIIGNFIPGLLFMQGIFGYLSVCIVYKWAVDWVKDGKPAPGLLNMLINMFLSPGTI
DDELYPHQAKVQVFLLLMALVCIPWLLLVKPLHFKFTHKKKSHEPLPSTEADASSEDLEAQQLISAMDADDAEEEEVGSG
SHGEDFGDIMIHQVIHTIEFCLNCVSHTASYLRLWALSLAHAQLSSVLWTMTIQIAFGFRGFVGVFMTVALFAMWFALTC
AVLVLMEGTSAMLHSLRLHWVESMSKFFVGEGLPYEPFAFEYKDMEVAVASASSSASS
;
_entity_poly.pdbx_strand_id   V
#
# COMPACT_ATOMS: atom_id res chain seq x y z
N THR A 1 -22.73 2.64 29.52
CA THR A 1 -21.41 2.98 30.09
C THR A 1 -20.64 3.76 29.08
N ASN A 2 -20.03 4.89 29.49
CA ASN A 2 -19.28 5.74 28.60
C ASN A 2 -17.89 5.22 28.67
N LYS A 3 -17.61 4.23 27.81
CA LYS A 3 -16.40 3.47 27.94
C LYS A 3 -15.39 4.23 27.20
N PHE A 4 -15.08 3.78 25.97
CA PHE A 4 -14.22 4.48 25.09
C PHE A 4 -14.91 5.74 24.88
N THR A 5 -14.15 6.83 25.12
CA THR A 5 -14.71 8.15 25.11
C THR A 5 -15.09 8.34 23.70
N ALA A 6 -16.30 8.84 23.44
CA ALA A 6 -17.01 9.00 22.20
C ALA A 6 -16.33 9.90 21.26
N GLY A 7 -15.70 10.92 21.83
CA GLY A 7 -14.90 11.89 21.16
C GLY A 7 -13.82 11.06 20.66
N PHE A 8 -13.22 10.28 21.56
CA PHE A 8 -12.34 9.28 21.10
C PHE A 8 -13.02 8.20 20.22
N GLN A 9 -14.29 7.76 20.40
CA GLN A 9 -14.93 6.67 19.68
C GLN A 9 -15.06 6.92 18.22
N SER A 10 -15.37 8.20 17.95
CA SER A 10 -15.57 8.68 16.63
C SER A 10 -14.20 8.83 16.02
N ILE A 11 -13.15 9.07 16.83
CA ILE A 11 -11.76 9.08 16.43
C ILE A 11 -11.33 7.69 16.00
N CYS A 12 -11.73 6.61 16.73
CA CYS A 12 -11.36 5.31 16.30
C CYS A 12 -12.12 5.04 15.03
N ASP A 13 -13.20 5.79 14.76
CA ASP A 13 -13.70 5.81 13.41
C ASP A 13 -13.00 6.79 12.40
N CYS A 14 -12.46 8.00 12.75
CA CYS A 14 -11.97 9.03 11.82
C CYS A 14 -10.81 8.64 10.98
N TYR A 15 -9.70 8.16 11.54
CA TYR A 15 -8.62 7.69 10.68
C TYR A 15 -8.81 6.20 10.38
N GLY A 16 -9.84 5.52 10.97
CA GLY A 16 -10.08 4.10 10.73
C GLY A 16 -9.02 3.26 11.39
N ILE A 17 -8.67 3.67 12.61
CA ILE A 17 -7.52 3.23 13.34
C ILE A 17 -7.89 2.46 14.60
N ALA A 18 -7.07 1.41 14.90
CA ALA A 18 -7.20 0.40 15.94
C ALA A 18 -7.15 0.94 17.31
N GLN A 19 -8.35 1.09 17.94
CA GLN A 19 -8.67 1.73 19.20
C GLN A 19 -7.94 1.24 20.40
N TYR A 20 -6.88 0.44 20.21
CA TYR A 20 -6.15 -0.16 21.29
C TYR A 20 -4.70 -0.29 20.92
N ARG A 21 -4.30 0.19 19.76
CA ARG A 21 -2.90 0.33 19.48
C ARG A 21 -2.89 1.60 18.73
N GLU A 22 -3.91 2.40 18.99
CA GLU A 22 -4.30 3.59 18.35
C GLU A 22 -3.30 4.69 18.28
N ILE A 23 -2.45 4.88 19.34
CA ILE A 23 -1.52 6.00 19.40
C ILE A 23 -0.63 5.85 18.25
N ASN A 24 -0.26 4.60 17.96
CA ASN A 24 0.48 4.33 16.79
C ASN A 24 -0.43 4.04 15.62
N ALA A 25 -1.72 3.71 15.78
CA ALA A 25 -2.47 3.21 14.65
C ALA A 25 -2.62 4.09 13.45
N GLY A 26 -2.58 5.40 13.54
CA GLY A 26 -2.65 6.09 12.29
C GLY A 26 -1.29 6.31 11.78
N LEU A 27 -0.27 6.09 12.61
CA LEU A 27 1.01 6.65 12.33
C LEU A 27 1.66 5.97 11.21
N PRO A 28 1.68 4.67 10.98
CA PRO A 28 2.32 4.13 9.81
C PRO A 28 1.81 4.80 8.63
N THR A 29 0.51 5.07 8.68
CA THR A 29 -0.20 5.74 7.65
C THR A 29 0.39 7.07 7.53
N ILE A 30 0.52 7.85 8.62
CA ILE A 30 0.92 9.21 8.47
C ILE A 30 2.30 9.28 7.94
N VAL A 31 3.10 8.20 8.04
CA VAL A 31 4.33 8.22 7.31
C VAL A 31 4.13 7.84 5.85
N THR A 32 3.39 6.77 5.61
CA THR A 32 3.56 6.04 4.40
C THR A 32 2.61 6.51 3.42
N PHE A 33 1.53 7.16 3.85
CA PHE A 33 0.65 7.82 2.97
C PHE A 33 1.53 8.91 2.39
N PRO A 34 2.28 9.73 3.11
CA PRO A 34 3.29 10.55 2.49
C PRO A 34 4.27 9.85 1.67
N PHE A 35 4.68 8.63 2.03
CA PHE A 35 5.60 7.96 1.18
C PHE A 35 4.93 7.58 -0.12
N MET A 36 3.60 7.42 -0.13
CA MET A 36 2.83 7.21 -1.32
C MET A 36 2.82 8.36 -2.26
N PHE A 37 2.98 9.60 -1.74
CA PHE A 37 2.99 10.78 -2.59
C PHE A 37 4.18 10.66 -3.43
N ALA A 38 5.23 10.13 -2.85
CA ALA A 38 6.43 9.87 -3.55
C ALA A 38 6.23 8.78 -4.57
N ILE A 39 5.18 7.94 -4.42
CA ILE A 39 4.89 6.98 -5.42
C ILE A 39 4.47 7.78 -6.59
N MET A 40 3.82 8.93 -6.39
CA MET A 40 3.94 9.92 -7.43
C MET A 40 5.34 10.46 -7.47
N PHE A 41 6.06 10.10 -8.53
CA PHE A 41 7.46 10.32 -8.79
C PHE A 41 7.68 11.71 -9.39
N GLY A 42 8.61 11.84 -10.39
CA GLY A 42 8.97 13.06 -11.14
C GLY A 42 9.72 12.71 -12.44
N ASP A 43 10.43 13.68 -13.15
CA ASP A 43 11.23 13.37 -14.36
C ASP A 43 12.14 14.51 -14.89
N MET A 44 11.91 15.74 -14.42
CA MET A 44 12.68 16.89 -14.77
C MET A 44 13.67 16.88 -13.65
N GLY A 45 13.37 17.63 -12.57
CA GLY A 45 14.06 17.54 -11.31
C GLY A 45 13.09 17.13 -10.23
N HIS A 46 11.78 17.37 -10.44
CA HIS A 46 10.61 17.03 -9.66
C HIS A 46 10.82 16.02 -8.57
N GLY A 47 10.65 16.49 -7.35
CA GLY A 47 11.10 15.82 -6.16
C GLY A 47 11.91 16.90 -5.59
N PHE A 48 12.69 17.52 -6.49
CA PHE A 48 13.29 18.80 -6.37
C PHE A 48 12.18 19.76 -6.23
N LEU A 49 11.13 19.66 -7.07
CA LEU A 49 10.03 20.59 -6.97
C LEU A 49 9.33 20.45 -5.64
N MET A 50 9.31 19.24 -5.07
CA MET A 50 8.70 18.92 -3.81
C MET A 50 9.50 19.47 -2.67
N THR A 51 10.82 19.59 -2.89
CA THR A 51 11.61 20.39 -2.01
C THR A 51 11.24 21.86 -2.10
N LEU A 52 11.05 22.41 -3.32
CA LEU A 52 10.83 23.85 -3.53
C LEU A 52 9.61 24.31 -2.84
N ALA A 53 8.59 23.44 -2.87
CA ALA A 53 7.39 23.66 -2.16
C ALA A 53 7.68 23.61 -0.70
N ALA A 54 8.44 22.56 -0.25
CA ALA A 54 8.71 22.26 1.14
C ALA A 54 9.30 23.45 1.82
N LEU A 55 10.08 24.25 1.08
CA LEU A 55 10.61 25.48 1.57
C LEU A 55 9.57 26.46 2.09
N SER A 56 8.51 26.81 1.34
CA SER A 56 7.63 27.85 1.82
C SER A 56 6.87 27.35 3.01
N LEU A 57 6.69 26.01 3.06
CA LEU A 57 6.06 25.35 4.17
C LEU A 57 6.91 25.41 5.44
N VAL A 58 8.24 25.43 5.31
CA VAL A 58 9.10 25.54 6.47
C VAL A 58 8.95 26.90 7.00
N LEU A 59 8.91 27.93 6.14
CA LEU A 59 8.81 29.28 6.63
C LEU A 59 7.51 29.43 7.35
N ASN A 60 6.48 28.73 6.83
CA ASN A 60 5.17 28.72 7.39
C ASN A 60 5.24 28.17 8.76
N GLU A 61 6.11 27.17 9.01
CA GLU A 61 6.26 26.59 10.32
C GLU A 61 6.70 27.64 11.25
N LYS A 62 7.63 28.52 10.86
CA LYS A 62 8.08 29.54 11.75
C LYS A 62 6.93 30.42 12.17
N LYS A 63 6.30 31.16 11.26
CA LYS A 63 5.17 31.96 11.69
C LYS A 63 4.76 32.60 10.44
N ILE A 64 3.47 32.44 10.09
CA ILE A 64 2.98 33.17 8.97
C ILE A 64 2.72 34.50 9.57
N ASN A 65 3.03 35.52 8.77
CA ASN A 65 3.17 36.89 9.18
C ASN A 65 2.29 37.75 8.31
N LYS A 66 2.03 37.34 7.05
CA LYS A 66 1.24 38.17 6.16
C LYS A 66 -0.18 38.17 6.67
N MET A 67 -0.71 36.94 6.89
CA MET A 67 -2.02 36.65 7.47
C MET A 67 -1.93 35.25 8.04
N LYS A 68 -1.98 35.17 9.38
CA LYS A 68 -1.84 33.95 10.12
C LYS A 68 -3.15 33.22 10.03
N ARG A 69 -4.19 33.89 9.47
CA ARG A 69 -5.53 33.39 9.28
C ARG A 69 -5.74 33.32 7.79
N GLY A 70 -6.55 32.34 7.26
CA GLY A 70 -6.69 32.17 5.80
C GLY A 70 -7.26 30.87 5.20
N GLU A 71 -7.75 30.98 3.94
CA GLU A 71 -8.32 29.93 3.10
C GLU A 71 -7.26 28.95 2.71
N ILE A 72 -6.19 29.46 2.08
CA ILE A 72 -5.10 28.64 1.68
C ILE A 72 -4.37 28.19 2.91
N PHE A 73 -4.44 28.97 4.02
CA PHE A 73 -3.89 28.69 5.34
C PHE A 73 -4.41 27.45 5.88
N ASP A 74 -5.72 27.21 5.79
CA ASP A 74 -6.22 25.99 6.34
C ASP A 74 -5.65 24.86 5.53
N MET A 75 -5.34 25.13 4.26
CA MET A 75 -4.66 24.14 3.50
C MET A 75 -3.21 24.19 3.81
N ALA A 76 -2.74 25.21 4.51
CA ALA A 76 -1.36 25.46 4.65
C ALA A 76 -0.96 25.88 6.02
N PHE A 77 -0.70 24.93 6.95
CA PHE A 77 -0.16 25.21 8.27
C PHE A 77 0.35 23.92 8.90
N THR A 78 -0.59 22.99 8.94
CA THR A 78 -0.75 21.72 9.60
C THR A 78 -1.25 20.96 8.44
N GLY A 79 -2.10 21.71 7.69
CA GLY A 79 -2.51 21.49 6.35
C GLY A 79 -1.20 21.48 5.59
N ARG A 80 -0.27 22.41 5.85
CA ARG A 80 1.07 22.39 5.29
C ARG A 80 2.00 21.61 6.14
N TYR A 81 1.77 21.28 7.43
CA TYR A 81 2.75 20.47 8.11
C TYR A 81 2.79 19.10 7.49
N ILE A 82 1.61 18.47 7.25
CA ILE A 82 1.57 17.18 6.59
C ILE A 82 2.23 17.31 5.24
N ILE A 83 1.95 18.40 4.52
CA ILE A 83 2.51 18.71 3.22
C ILE A 83 3.98 18.90 3.25
N LEU A 84 4.55 19.51 4.28
CA LEU A 84 5.96 19.57 4.39
C LEU A 84 6.50 18.19 4.36
N LEU A 85 5.90 17.28 5.17
CA LEU A 85 6.34 15.90 5.22
C LEU A 85 6.31 15.26 3.90
N MET A 86 5.32 15.60 3.11
CA MET A 86 5.15 15.10 1.78
C MET A 86 6.16 15.68 0.86
N GLY A 87 6.46 16.99 0.96
CA GLY A 87 7.28 17.68 0.01
C GLY A 87 8.61 17.09 0.12
N VAL A 88 8.93 16.72 1.36
CA VAL A 88 10.08 15.94 1.67
C VAL A 88 10.04 14.48 1.24
N PHE A 89 8.93 13.73 1.39
CA PHE A 89 8.95 12.30 1.12
C PHE A 89 9.08 12.08 -0.33
N SER A 90 8.37 12.95 -1.05
CA SER A 90 8.38 13.08 -2.46
C SER A 90 9.61 13.72 -2.90
N MET A 91 10.28 14.54 -2.06
CA MET A 91 11.61 14.90 -2.42
C MET A 91 12.40 13.64 -2.44
N TYR A 92 12.22 12.77 -1.44
CA TYR A 92 13.02 11.58 -1.37
C TYR A 92 12.86 10.55 -2.41
N THR A 93 11.68 10.07 -2.83
CA THR A 93 11.76 9.14 -3.95
C THR A 93 11.82 9.92 -5.19
N GLY A 94 11.60 11.24 -5.06
CA GLY A 94 11.75 12.17 -6.10
C GLY A 94 13.16 12.51 -6.28
N PHE A 95 14.02 11.96 -5.41
CA PHE A 95 15.43 12.20 -5.40
C PHE A 95 16.05 10.87 -5.64
N LEU A 96 15.44 9.76 -5.18
CA LEU A 96 15.97 8.43 -5.44
C LEU A 96 15.75 8.07 -6.86
N TYR A 97 14.64 8.54 -7.40
CA TYR A 97 14.40 8.39 -8.79
C TYR A 97 14.67 9.70 -9.40
N ASN A 98 15.15 10.76 -8.68
CA ASN A 98 15.81 11.91 -9.33
C ASN A 98 17.07 11.42 -9.89
N ASP A 99 17.61 10.28 -9.39
CA ASP A 99 18.78 9.68 -9.96
C ASP A 99 18.50 9.38 -11.38
N ILE A 100 17.24 8.99 -11.65
CA ILE A 100 16.86 8.75 -12.97
C ILE A 100 16.10 9.92 -13.45
N PHE A 101 15.72 10.99 -12.72
CA PHE A 101 15.06 12.09 -13.42
C PHE A 101 16.05 13.01 -14.00
N SER A 102 17.07 13.33 -13.18
CA SER A 102 18.18 14.15 -13.57
C SER A 102 19.10 13.43 -14.50
N LYS A 103 19.10 12.09 -14.49
CA LYS A 103 19.94 11.42 -15.43
C LYS A 103 19.24 10.20 -15.82
N THR A 104 18.05 10.51 -16.42
CA THR A 104 17.44 9.67 -17.40
C THR A 104 17.85 10.48 -18.58
N MET A 105 16.98 11.49 -18.86
CA MET A 105 16.86 12.41 -19.94
C MET A 105 16.51 11.58 -21.13
N THR A 106 15.33 11.83 -21.74
CA THR A 106 14.78 10.82 -22.59
C THR A 106 15.17 11.11 -23.99
N ILE A 107 15.77 10.15 -24.70
CA ILE A 107 15.87 10.34 -26.11
C ILE A 107 16.16 9.00 -26.67
N PHE A 108 16.61 8.01 -25.89
CA PHE A 108 17.12 6.85 -26.57
C PHE A 108 16.09 5.76 -26.59
N LYS A 109 14.89 6.10 -26.03
CA LYS A 109 13.53 5.57 -26.16
C LYS A 109 13.35 4.09 -26.07
N SER A 110 14.46 3.47 -25.76
CA SER A 110 14.81 2.11 -25.70
C SER A 110 16.20 2.34 -25.17
N GLY A 111 16.32 3.38 -24.33
CA GLY A 111 17.52 3.84 -23.76
C GLY A 111 17.09 4.58 -22.55
N TRP A 112 17.90 5.64 -22.30
CA TRP A 112 17.79 6.76 -21.42
C TRP A 112 19.01 7.43 -21.93
N LYS A 113 19.02 8.77 -22.05
CA LYS A 113 20.12 9.55 -22.58
C LYS A 113 21.36 9.22 -21.84
N TRP A 114 21.22 9.19 -20.51
CA TRP A 114 22.27 8.80 -19.66
C TRP A 114 21.63 7.72 -18.89
N PRO A 115 22.00 6.47 -19.07
CA PRO A 115 21.47 5.41 -18.25
C PRO A 115 22.16 5.58 -16.94
N ASP A 116 21.76 4.85 -15.89
CA ASP A 116 22.69 4.61 -14.82
C ASP A 116 23.46 3.44 -15.34
N HIS A 117 24.44 3.75 -16.26
CA HIS A 117 25.26 2.93 -17.15
C HIS A 117 25.20 1.49 -16.84
N TRP A 118 24.43 0.67 -17.60
CA TRP A 118 24.22 -0.68 -17.16
C TRP A 118 25.38 -1.58 -17.42
N LYS A 119 25.33 -2.69 -16.66
CA LYS A 119 26.32 -3.71 -16.50
C LYS A 119 26.74 -4.23 -17.81
N LYS A 120 25.76 -4.50 -18.70
CA LYS A 120 25.99 -5.07 -20.00
C LYS A 120 26.50 -4.04 -20.98
N GLY A 121 27.24 -3.03 -20.47
CA GLY A 121 27.81 -1.99 -21.27
C GLY A 121 26.72 -1.22 -21.92
N GLU A 122 25.55 -1.10 -21.22
CA GLU A 122 24.38 -0.52 -21.83
C GLU A 122 24.64 0.92 -21.74
N SER A 123 24.98 1.41 -22.94
CA SER A 123 25.43 2.69 -23.31
C SER A 123 26.53 2.29 -24.23
N ILE A 124 26.27 1.47 -25.28
CA ILE A 124 27.35 1.16 -26.19
C ILE A 124 27.39 2.41 -27.00
N THR A 125 28.45 3.23 -26.83
CA THR A 125 28.56 4.53 -27.42
C THR A 125 29.35 4.43 -28.70
N ALA A 126 29.85 3.20 -29.01
CA ALA A 126 30.46 2.87 -30.27
C ALA A 126 29.44 2.83 -31.38
N THR A 127 28.28 2.16 -31.12
CA THR A 127 27.15 2.10 -32.02
C THR A 127 26.43 3.42 -32.02
N SER A 128 25.39 3.57 -32.87
CA SER A 128 24.54 4.74 -32.89
C SER A 128 23.81 4.86 -31.59
N VAL A 129 23.83 6.07 -31.00
CA VAL A 129 23.32 6.27 -29.68
C VAL A 129 21.82 6.29 -29.65
N GLY A 130 21.17 6.88 -30.68
CA GLY A 130 19.75 7.00 -30.80
C GLY A 130 19.06 5.71 -30.51
N THR A 131 19.39 4.67 -31.28
CA THR A 131 19.00 3.36 -30.92
C THR A 131 20.16 2.92 -30.12
N TYR A 132 20.10 3.14 -28.79
CA TYR A 132 21.06 2.54 -27.89
C TYR A 132 20.63 1.12 -27.84
N PRO A 133 21.43 0.11 -27.52
CA PRO A 133 20.97 -1.27 -27.38
C PRO A 133 19.68 -1.34 -26.59
N ILE A 134 18.64 -1.76 -27.32
CA ILE A 134 17.25 -1.42 -27.07
C ILE A 134 16.77 -1.61 -25.69
N GLY A 135 17.29 -2.60 -24.99
CA GLY A 135 16.87 -2.82 -23.66
C GLY A 135 18.09 -3.41 -23.17
N LEU A 136 18.01 -4.74 -23.07
CA LEU A 136 19.00 -5.63 -22.59
C LEU A 136 18.84 -5.65 -21.13
N ASP A 137 17.81 -6.43 -20.85
CA ASP A 137 17.18 -6.76 -19.65
C ASP A 137 15.88 -7.01 -20.33
N TRP A 138 15.44 -8.26 -20.28
CA TRP A 138 14.21 -8.70 -20.87
C TRP A 138 13.96 -10.06 -20.30
N ALA A 139 14.93 -10.51 -19.49
CA ALA A 139 14.86 -11.61 -18.58
C ALA A 139 14.87 -10.92 -17.23
N TRP A 140 14.47 -9.63 -17.26
CA TRP A 140 14.31 -8.68 -16.20
C TRP A 140 13.20 -7.78 -16.73
N HIS A 141 12.96 -6.61 -16.07
CA HIS A 141 11.79 -5.77 -16.24
C HIS A 141 12.18 -4.38 -16.69
N GLY A 142 13.20 -3.80 -16.05
CA GLY A 142 13.52 -2.44 -16.30
C GLY A 142 14.75 -2.35 -17.06
N THR A 143 14.97 -1.18 -17.71
CA THR A 143 16.29 -0.94 -18.22
C THR A 143 16.55 0.53 -18.19
N GLU A 144 17.77 0.84 -17.71
CA GLU A 144 18.41 2.12 -17.72
C GLU A 144 18.46 2.54 -19.17
N ASN A 145 18.65 1.54 -20.05
CA ASN A 145 18.61 1.71 -21.47
C ASN A 145 17.37 1.12 -22.05
N ALA A 146 16.20 1.55 -21.58
CA ALA A 146 15.02 1.19 -22.27
C ALA A 146 14.02 2.10 -21.77
N LEU A 147 13.36 2.95 -22.61
CA LEU A 147 12.16 3.57 -22.10
C LEU A 147 10.89 2.77 -22.31
N LEU A 148 10.89 1.75 -23.18
CA LEU A 148 9.68 0.98 -23.31
C LEU A 148 9.66 -0.05 -22.26
N PHE A 149 10.86 -0.46 -21.84
CA PHE A 149 10.99 -1.41 -20.80
C PHE A 149 11.47 -0.63 -19.66
N SER A 150 11.49 0.73 -19.75
CA SER A 150 11.35 1.56 -18.59
C SER A 150 9.96 1.42 -18.25
N ASN A 151 9.06 1.25 -19.26
CA ASN A 151 7.70 1.10 -18.88
C ASN A 151 7.64 -0.18 -18.16
N SER A 152 8.35 -1.21 -18.62
CA SER A 152 8.53 -2.35 -17.77
C SER A 152 9.26 -2.09 -16.45
N TYR A 153 10.29 -1.22 -16.34
CA TYR A 153 10.92 -0.97 -15.07
C TYR A 153 10.02 -0.48 -14.02
N LYS A 154 9.32 0.61 -14.26
CA LYS A 154 8.44 1.16 -13.33
C LYS A 154 7.23 0.34 -13.17
N MET A 155 6.78 -0.36 -14.24
CA MET A 155 5.55 -1.12 -14.16
C MET A 155 5.69 -2.19 -13.18
N LYS A 156 6.72 -3.01 -13.39
CA LYS A 156 6.93 -4.08 -12.50
C LYS A 156 7.45 -3.56 -11.23
N LEU A 157 8.13 -2.40 -11.22
CA LEU A 157 8.70 -1.86 -10.00
C LEU A 157 7.62 -1.58 -9.07
N SER A 158 6.64 -0.87 -9.54
CA SER A 158 5.60 -0.46 -8.70
C SER A 158 4.82 -1.65 -8.34
N ILE A 159 4.74 -2.67 -9.22
CA ILE A 159 4.02 -3.89 -8.95
C ILE A 159 4.63 -4.56 -7.76
N LEU A 160 5.95 -4.68 -7.76
CA LEU A 160 6.64 -5.27 -6.67
C LEU A 160 6.41 -4.48 -5.45
N MET A 161 6.56 -3.15 -5.57
CA MET A 161 6.46 -2.26 -4.45
C MET A 161 5.11 -2.40 -3.91
N GLY A 162 4.18 -2.73 -4.80
CA GLY A 162 2.84 -3.03 -4.50
C GLY A 162 2.75 -4.19 -3.63
N PHE A 163 3.46 -5.26 -3.92
CA PHE A 163 3.40 -6.37 -3.03
C PHE A 163 3.93 -6.00 -1.72
N ILE A 164 4.98 -5.18 -1.66
CA ILE A 164 5.48 -4.77 -0.40
C ILE A 164 4.47 -3.93 0.28
N HIS A 165 3.88 -2.99 -0.42
CA HIS A 165 2.94 -2.11 0.18
C HIS A 165 1.79 -2.82 0.77
N MET A 166 1.15 -3.73 0.02
CA MET A 166 0.02 -4.47 0.49
C MET A 166 0.32 -5.39 1.58
N THR A 167 1.47 -6.04 1.50
CA THR A 167 1.84 -6.98 2.50
C THR A 167 1.99 -6.23 3.77
N TYR A 168 2.69 -5.08 3.67
CA TYR A 168 3.14 -4.29 4.77
C TYR A 168 1.97 -3.72 5.37
N SER A 169 1.07 -3.26 4.52
CA SER A 169 -0.21 -2.82 4.92
C SER A 169 -0.97 -3.93 5.55
N TYR A 170 -0.91 -5.20 5.07
CA TYR A 170 -1.68 -6.21 5.72
C TYR A 170 -1.09 -6.38 7.06
N PHE A 171 0.23 -6.46 7.12
CA PHE A 171 0.96 -6.70 8.30
C PHE A 171 1.12 -5.67 9.35
N PHE A 172 1.23 -4.36 9.07
CA PHE A 172 1.42 -3.45 10.18
C PHE A 172 0.23 -3.41 11.02
N SER A 173 -0.87 -3.49 10.31
CA SER A 173 -2.18 -3.45 10.81
C SER A 173 -2.74 -4.77 10.86
N LEU A 174 -1.91 -5.80 10.80
CA LEU A 174 -2.24 -7.19 10.86
C LEU A 174 -1.90 -7.19 12.26
N ALA A 175 -0.69 -6.76 12.63
CA ALA A 175 -0.24 -6.72 13.97
C ALA A 175 -1.03 -5.66 14.66
N ASN A 176 -1.55 -4.61 14.00
CA ASN A 176 -2.35 -3.68 14.77
C ASN A 176 -3.75 -4.18 14.78
N HIS A 177 -4.15 -5.05 13.85
CA HIS A 177 -5.41 -5.72 14.04
C HIS A 177 -5.11 -7.03 14.65
N LEU A 178 -3.97 -7.12 15.37
CA LEU A 178 -3.70 -8.25 16.17
C LEU A 178 -4.40 -7.81 17.34
N TYR A 179 -5.47 -8.53 17.51
CA TYR A 179 -6.40 -8.40 18.53
C TYR A 179 -5.63 -8.90 19.71
N PHE A 180 -4.87 -8.06 20.45
CA PHE A 180 -4.06 -8.48 21.58
C PHE A 180 -3.67 -7.23 22.23
N ASN A 181 -3.09 -6.34 21.41
CA ASN A 181 -2.90 -4.96 21.77
C ASN A 181 -4.32 -4.50 21.91
N SER A 182 -5.09 -4.95 20.91
CA SER A 182 -6.49 -4.90 20.87
C SER A 182 -7.00 -6.10 21.57
N MET A 183 -8.00 -6.72 20.96
CA MET A 183 -8.81 -7.74 21.54
C MET A 183 -8.14 -9.09 21.77
N ILE A 184 -7.44 -9.28 22.93
CA ILE A 184 -6.67 -10.46 23.29
C ILE A 184 -7.02 -11.80 22.71
N ASP A 185 -6.21 -12.08 21.68
CA ASP A 185 -5.95 -13.27 20.94
C ASP A 185 -6.96 -13.64 19.89
N ILE A 186 -7.54 -12.76 19.02
CA ILE A 186 -8.47 -13.29 18.02
C ILE A 186 -7.85 -14.31 17.12
N ILE A 187 -8.36 -15.55 17.25
CA ILE A 187 -7.99 -16.65 16.44
C ILE A 187 -9.33 -16.90 15.92
N GLY A 188 -9.43 -16.81 14.61
CA GLY A 188 -10.70 -16.83 14.02
C GLY A 188 -10.46 -16.16 12.76
N ASN A 189 -9.56 -15.15 12.76
CA ASN A 189 -9.32 -14.35 11.59
C ASN A 189 -7.89 -13.92 11.47
N PHE A 190 -7.11 -13.86 12.59
CA PHE A 190 -5.80 -13.25 12.52
C PHE A 190 -4.89 -14.18 11.77
N ILE A 191 -4.75 -15.41 12.32
CA ILE A 191 -3.93 -16.45 11.77
C ILE A 191 -4.44 -16.97 10.46
N PRO A 192 -5.68 -17.41 10.26
CA PRO A 192 -6.05 -18.03 9.01
C PRO A 192 -6.16 -16.98 7.97
N GLY A 193 -6.21 -15.70 8.44
CA GLY A 193 -6.09 -14.54 7.62
C GLY A 193 -4.71 -14.31 7.11
N LEU A 194 -3.69 -14.48 7.98
CA LEU A 194 -2.30 -14.32 7.65
C LEU A 194 -1.98 -15.25 6.53
N LEU A 195 -2.49 -16.46 6.64
CA LEU A 195 -2.28 -17.45 5.65
C LEU A 195 -2.79 -17.07 4.28
N PHE A 196 -4.02 -16.58 4.13
CA PHE A 196 -4.53 -16.35 2.80
C PHE A 196 -3.76 -15.28 2.16
N MET A 197 -3.55 -14.18 2.88
CA MET A 197 -2.86 -13.05 2.35
C MET A 197 -1.47 -13.39 2.09
N GLN A 198 -0.92 -14.31 2.89
CA GLN A 198 0.38 -14.81 2.65
C GLN A 198 0.36 -15.55 1.37
N GLY A 199 -0.73 -16.28 1.05
CA GLY A 199 -0.70 -16.89 -0.24
C GLY A 199 -0.73 -15.97 -1.42
N ILE A 200 -1.58 -14.92 -1.45
CA ILE A 200 -1.55 -14.08 -2.63
C ILE A 200 -0.33 -13.24 -2.78
N PHE A 201 -0.08 -12.48 -1.72
CA PHE A 201 0.91 -11.46 -1.84
C PHE A 201 2.22 -12.05 -1.76
N GLY A 202 2.26 -13.16 -1.03
CA GLY A 202 3.45 -13.77 -0.55
C GLY A 202 3.89 -14.53 -1.66
N TYR A 203 3.25 -15.64 -2.04
CA TYR A 203 3.84 -16.51 -3.03
C TYR A 203 4.11 -15.74 -4.27
N LEU A 204 3.21 -14.80 -4.65
CA LEU A 204 3.44 -14.02 -5.82
C LEU A 204 4.57 -13.09 -5.63
N SER A 205 4.84 -12.60 -4.43
CA SER A 205 6.00 -11.76 -4.34
C SER A 205 7.17 -12.62 -4.23
N VAL A 206 7.07 -13.86 -3.70
CA VAL A 206 8.18 -14.76 -3.72
C VAL A 206 8.55 -14.92 -5.14
N CYS A 207 7.55 -15.02 -6.00
CA CYS A 207 7.76 -14.94 -7.42
C CYS A 207 8.41 -13.70 -7.92
N ILE A 208 8.07 -12.48 -7.47
CA ILE A 208 8.63 -11.30 -8.07
C ILE A 208 10.03 -11.19 -7.62
N VAL A 209 10.27 -11.53 -6.37
CA VAL A 209 11.55 -11.71 -5.78
C VAL A 209 12.34 -12.72 -6.55
N TYR A 210 11.76 -13.86 -6.97
CA TYR A 210 12.48 -14.94 -7.61
C TYR A 210 12.81 -14.51 -8.97
N LYS A 211 11.93 -13.73 -9.59
CA LYS A 211 12.18 -13.01 -10.81
C LYS A 211 13.32 -12.08 -10.59
N TRP A 212 13.39 -11.51 -9.40
CA TRP A 212 14.41 -10.62 -8.99
C TRP A 212 15.40 -11.47 -8.28
N ALA A 213 15.61 -12.72 -8.68
CA ALA A 213 16.55 -13.56 -8.00
C ALA A 213 17.05 -14.62 -8.93
N VAL A 214 16.62 -14.62 -10.21
CA VAL A 214 17.21 -15.50 -11.19
C VAL A 214 17.11 -14.74 -12.46
N ASP A 215 18.26 -14.44 -13.11
CA ASP A 215 18.32 -13.89 -14.43
C ASP A 215 18.04 -15.13 -15.18
N TRP A 216 16.76 -15.34 -15.53
CA TRP A 216 16.32 -16.62 -15.97
C TRP A 216 16.68 -16.80 -17.42
N VAL A 217 18.00 -16.86 -17.78
CA VAL A 217 18.44 -17.07 -19.15
C VAL A 217 19.07 -18.42 -19.13
N LYS A 218 19.75 -18.74 -18.03
CA LYS A 218 20.17 -20.08 -17.80
C LYS A 218 18.97 -20.94 -17.47
N ASP A 219 18.02 -20.40 -16.65
CA ASP A 219 16.87 -21.12 -16.10
C ASP A 219 15.47 -20.84 -16.65
N GLY A 220 15.30 -20.01 -17.71
CA GLY A 220 14.01 -19.88 -18.38
C GLY A 220 12.94 -19.07 -17.71
N LYS A 221 12.02 -19.76 -16.99
CA LYS A 221 10.80 -19.32 -16.35
C LYS A 221 10.48 -17.83 -16.50
N PRO A 222 9.59 -17.42 -17.42
CA PRO A 222 9.22 -16.04 -17.81
C PRO A 222 9.21 -14.79 -16.92
N ALA A 223 9.63 -13.65 -17.59
CA ALA A 223 9.89 -12.27 -17.18
C ALA A 223 8.75 -11.26 -17.20
N PRO A 224 7.59 -11.77 -17.57
CA PRO A 224 6.36 -11.17 -17.14
C PRO A 224 6.10 -12.17 -16.07
N GLY A 225 5.84 -11.69 -14.86
CA GLY A 225 5.70 -12.53 -13.71
C GLY A 225 4.44 -13.23 -13.77
N LEU A 226 3.56 -12.65 -14.60
CA LEU A 226 2.28 -13.14 -14.96
C LEU A 226 2.49 -14.34 -15.81
N LEU A 227 3.64 -14.39 -16.48
CA LEU A 227 3.95 -15.47 -17.33
C LEU A 227 4.54 -16.52 -16.47
N ASN A 228 4.68 -16.26 -15.16
CA ASN A 228 5.01 -17.37 -14.29
C ASN A 228 3.84 -17.60 -13.37
N MET A 229 2.97 -16.65 -13.06
CA MET A 229 1.93 -16.97 -12.12
C MET A 229 0.61 -17.12 -12.70
N LEU A 230 0.37 -16.77 -13.95
CA LEU A 230 -0.98 -16.94 -14.41
C LEU A 230 -0.94 -18.12 -15.24
N ILE A 231 0.20 -18.84 -15.18
CA ILE A 231 0.17 -20.19 -15.57
C ILE A 231 -0.22 -20.84 -14.30
N ASN A 232 0.16 -20.25 -13.14
CA ASN A 232 -0.29 -20.83 -11.92
C ASN A 232 -1.74 -20.48 -11.82
N MET A 233 -2.56 -21.52 -11.90
CA MET A 233 -3.99 -21.54 -11.83
C MET A 233 -4.35 -22.78 -12.57
N PHE A 234 -3.35 -23.67 -12.80
CA PHE A 234 -3.54 -24.96 -13.45
C PHE A 234 -2.18 -25.61 -13.66
N LEU A 235 -1.08 -24.94 -13.26
CA LEU A 235 0.26 -25.31 -13.66
C LEU A 235 0.68 -26.71 -13.32
N SER A 236 0.41 -27.10 -12.06
CA SER A 236 0.73 -28.40 -11.52
C SER A 236 0.06 -29.46 -12.35
N PRO A 237 0.60 -30.66 -12.51
CA PRO A 237 -0.02 -31.68 -13.32
C PRO A 237 -0.85 -32.57 -12.43
N GLY A 238 -0.98 -32.24 -11.12
CA GLY A 238 -1.71 -33.08 -10.22
C GLY A 238 -0.85 -34.24 -9.86
N THR A 239 0.43 -33.96 -9.58
CA THR A 239 1.42 -34.91 -9.13
C THR A 239 2.19 -34.06 -8.18
N ILE A 240 2.65 -34.62 -7.04
CA ILE A 240 3.33 -33.83 -6.04
C ILE A 240 4.80 -33.93 -6.33
N ASP A 241 5.40 -32.79 -6.76
CA ASP A 241 6.79 -32.70 -7.11
C ASP A 241 7.22 -31.41 -6.53
N ASP A 242 8.54 -31.25 -6.39
CA ASP A 242 9.10 -30.10 -5.76
C ASP A 242 10.18 -29.53 -6.62
N GLU A 243 10.61 -28.35 -6.17
CA GLU A 243 11.60 -27.47 -6.66
C GLU A 243 12.86 -28.26 -6.72
N LEU A 244 13.72 -27.90 -7.65
CA LEU A 244 15.07 -28.36 -7.62
C LEU A 244 15.82 -27.10 -7.76
N TYR A 245 15.18 -26.09 -8.42
CA TYR A 245 15.69 -24.78 -8.65
C TYR A 245 14.50 -23.86 -8.63
N PRO A 246 14.69 -22.56 -8.32
CA PRO A 246 13.67 -21.57 -8.08
C PRO A 246 12.35 -21.83 -8.70
N HIS A 247 11.34 -21.92 -7.82
CA HIS A 247 9.97 -22.26 -8.05
C HIS A 247 9.81 -23.07 -9.25
N GLN A 248 10.19 -24.33 -9.18
CA GLN A 248 9.90 -25.11 -10.34
C GLN A 248 8.57 -25.71 -10.05
N ALA A 249 8.59 -26.42 -8.91
CA ALA A 249 7.50 -27.21 -8.51
C ALA A 249 7.43 -27.03 -7.05
N LYS A 250 8.06 -25.93 -6.56
CA LYS A 250 7.71 -25.38 -5.27
C LYS A 250 6.34 -24.84 -5.46
N VAL A 251 6.08 -24.38 -6.70
CA VAL A 251 4.79 -23.99 -7.18
C VAL A 251 3.87 -25.17 -7.39
N GLN A 252 4.37 -26.39 -7.64
CA GLN A 252 3.48 -27.51 -7.85
C GLN A 252 2.81 -27.84 -6.55
N VAL A 253 3.52 -27.64 -5.41
CA VAL A 253 2.91 -27.94 -4.14
C VAL A 253 2.29 -26.69 -3.60
N PHE A 254 2.57 -25.51 -4.23
CA PHE A 254 1.95 -24.23 -3.89
C PHE A 254 0.48 -24.31 -4.04
N LEU A 255 -0.04 -25.10 -5.00
CA LEU A 255 -1.45 -25.26 -5.17
C LEU A 255 -2.05 -25.89 -3.95
N LEU A 256 -1.47 -27.01 -3.45
CA LEU A 256 -2.08 -27.81 -2.42
C LEU A 256 -2.04 -26.95 -1.22
N LEU A 257 -0.89 -26.30 -1.02
CA LEU A 257 -0.73 -25.32 0.01
C LEU A 257 -1.69 -24.16 -0.13
N MET A 258 -2.01 -23.70 -1.36
CA MET A 258 -2.83 -22.54 -1.56
C MET A 258 -4.20 -22.83 -1.12
N ALA A 259 -4.73 -24.05 -1.36
CA ALA A 259 -6.06 -24.37 -0.89
C ALA A 259 -6.12 -24.38 0.61
N LEU A 260 -4.99 -24.75 1.22
CA LEU A 260 -4.86 -24.80 2.63
C LEU A 260 -4.83 -23.44 3.25
N VAL A 261 -4.51 -22.34 2.55
CA VAL A 261 -4.37 -21.09 3.25
C VAL A 261 -5.48 -20.17 2.91
N CYS A 262 -6.45 -20.64 2.12
CA CYS A 262 -7.61 -19.87 1.82
C CYS A 262 -8.70 -20.44 2.66
N ILE A 263 -8.85 -21.80 2.60
CA ILE A 263 -9.94 -22.59 3.15
C ILE A 263 -10.07 -22.35 4.62
N PRO A 264 -9.08 -22.33 5.50
CA PRO A 264 -9.28 -22.07 6.92
C PRO A 264 -9.55 -20.63 7.20
N TRP A 265 -9.33 -19.63 6.32
CA TRP A 265 -9.84 -18.37 6.76
C TRP A 265 -11.34 -18.39 6.63
N LEU A 266 -11.89 -19.21 5.72
CA LEU A 266 -13.31 -19.44 5.76
C LEU A 266 -13.70 -20.47 6.72
N LEU A 267 -12.86 -21.51 6.87
CA LEU A 267 -13.35 -22.56 7.68
C LEU A 267 -13.13 -22.17 9.07
N LEU A 268 -11.93 -21.68 9.47
CA LEU A 268 -11.69 -21.27 10.83
C LEU A 268 -12.59 -20.20 11.32
N VAL A 269 -13.28 -19.46 10.40
CA VAL A 269 -14.20 -18.51 10.92
C VAL A 269 -15.53 -19.13 11.24
N LYS A 270 -15.77 -20.40 10.85
CA LYS A 270 -16.80 -21.27 11.31
C LYS A 270 -16.67 -21.40 12.77
N PRO A 271 -15.50 -21.67 13.30
CA PRO A 271 -15.32 -21.53 14.70
C PRO A 271 -15.59 -20.19 15.26
N LEU A 272 -15.44 -19.03 14.62
CA LEU A 272 -15.85 -17.76 15.21
C LEU A 272 -17.32 -17.78 15.55
N HIS A 273 -18.09 -18.28 14.56
CA HIS A 273 -19.50 -18.47 14.57
C HIS A 273 -19.84 -19.35 15.68
N PHE A 274 -19.11 -20.47 15.78
CA PHE A 274 -19.41 -21.44 16.74
C PHE A 274 -19.14 -20.81 18.05
N LYS A 275 -17.93 -20.28 18.19
CA LYS A 275 -17.39 -19.73 19.36
C LYS A 275 -18.15 -18.76 20.10
N PHE A 276 -18.77 -17.75 19.46
CA PHE A 276 -19.29 -16.71 20.34
C PHE A 276 -20.42 -16.97 21.38
N THR A 277 -21.46 -17.83 21.16
CA THR A 277 -22.59 -17.78 22.10
C THR A 277 -22.26 -18.15 23.51
N HIS A 278 -21.48 -19.23 23.68
CA HIS A 278 -20.95 -19.49 24.98
C HIS A 278 -19.70 -18.73 24.95
N LYS A 279 -19.63 -17.94 26.01
CA LYS A 279 -18.72 -16.93 26.30
C LYS A 279 -17.33 -17.46 26.51
N LYS A 280 -17.09 -18.59 27.18
CA LYS A 280 -15.73 -18.98 27.48
C LYS A 280 -14.82 -19.16 26.28
N LYS A 281 -15.37 -19.78 25.24
CA LYS A 281 -14.72 -19.90 23.97
C LYS A 281 -14.46 -18.64 23.26
N SER A 282 -15.42 -17.67 23.35
CA SER A 282 -15.39 -16.36 22.73
C SER A 282 -14.22 -15.60 23.21
N HIS A 283 -13.98 -15.77 24.53
CA HIS A 283 -12.98 -15.21 25.39
C HIS A 283 -11.63 -15.57 24.87
N GLU A 284 -11.41 -16.83 24.41
CA GLU A 284 -10.07 -17.17 23.97
C GLU A 284 -9.63 -16.24 22.82
N PRO A 285 -10.46 -15.81 21.88
CA PRO A 285 -10.06 -14.73 21.03
C PRO A 285 -10.16 -13.32 21.58
N LEU A 286 -11.04 -13.00 22.57
CA LEU A 286 -11.35 -11.63 23.02
C LEU A 286 -10.97 -11.25 24.46
N PRO A 287 -10.69 -9.99 24.85
CA PRO A 287 -10.60 -9.49 26.24
C PRO A 287 -11.76 -9.73 27.17
N SER A 288 -12.85 -10.36 26.71
CA SER A 288 -14.17 -10.23 27.28
C SER A 288 -14.38 -10.71 28.70
N THR A 289 -13.48 -11.55 29.25
CA THR A 289 -13.55 -12.15 30.59
C THR A 289 -13.52 -11.15 31.76
N GLU A 290 -13.34 -9.83 31.51
CA GLU A 290 -13.17 -8.82 32.56
C GLU A 290 -14.20 -8.61 33.71
N ALA A 291 -15.42 -9.21 33.74
CA ALA A 291 -16.38 -8.93 34.81
C ALA A 291 -16.24 -9.79 36.06
N ASP A 292 -16.65 -9.23 37.23
CA ASP A 292 -16.67 -9.87 38.53
C ASP A 292 -17.77 -10.89 38.70
N ALA A 293 -18.99 -10.57 38.20
CA ALA A 293 -20.15 -11.44 38.20
C ALA A 293 -19.93 -12.64 37.33
N SER A 294 -19.12 -12.42 36.26
CA SER A 294 -18.66 -13.42 35.34
C SER A 294 -17.83 -14.41 36.09
N SER A 295 -16.88 -13.97 36.96
CA SER A 295 -16.00 -14.87 37.69
C SER A 295 -16.72 -15.82 38.61
N GLU A 296 -17.78 -15.36 39.33
CA GLU A 296 -18.65 -16.24 40.12
C GLU A 296 -19.28 -17.36 39.29
N ASP A 297 -19.79 -16.97 38.09
CA ASP A 297 -20.39 -17.86 37.11
C ASP A 297 -19.38 -18.87 36.60
N LEU A 298 -18.15 -18.41 36.27
CA LEU A 298 -17.03 -19.18 35.79
C LEU A 298 -16.59 -20.16 36.84
N GLU A 299 -16.54 -19.76 38.14
CA GLU A 299 -16.08 -20.62 39.21
C GLU A 299 -17.04 -21.78 39.42
N ALA A 300 -18.37 -21.50 39.40
CA ALA A 300 -19.39 -22.54 39.41
C ALA A 300 -19.33 -23.47 38.21
N GLN A 301 -19.10 -22.89 37.00
CA GLN A 301 -19.10 -23.55 35.72
C GLN A 301 -17.99 -24.56 35.61
N GLN A 302 -16.79 -24.21 36.13
CA GLN A 302 -15.62 -25.06 36.15
C GLN A 302 -15.86 -26.27 37.00
N LEU A 303 -16.37 -26.08 38.24
CA LEU A 303 -16.72 -27.20 39.09
C LEU A 303 -17.74 -28.15 38.50
N ILE A 304 -18.87 -27.63 37.97
CA ILE A 304 -19.94 -28.46 37.44
C ILE A 304 -19.64 -29.29 36.20
N SER A 305 -18.76 -28.80 35.27
CA SER A 305 -18.48 -29.49 34.02
C SER A 305 -17.39 -28.74 33.28
N ALA A 306 -17.17 -29.11 31.98
CA ALA A 306 -16.09 -28.59 31.17
C ALA A 306 -16.13 -29.27 29.81
N MET A 307 -16.62 -28.53 28.78
CA MET A 307 -16.61 -28.97 27.40
C MET A 307 -16.78 -27.70 26.65
N ASP A 308 -15.75 -27.30 25.89
CA ASP A 308 -15.84 -26.04 25.30
C ASP A 308 -15.05 -26.32 24.13
N ALA A 309 -15.53 -25.75 23.09
CA ALA A 309 -14.87 -25.65 21.86
C ALA A 309 -15.69 -24.51 21.46
N ASP A 310 -15.38 -23.89 20.33
CA ASP A 310 -16.00 -22.70 19.82
C ASP A 310 -17.50 -22.96 19.92
N ASP A 311 -18.35 -22.21 20.63
CA ASP A 311 -19.65 -22.64 21.11
C ASP A 311 -20.56 -23.55 20.27
N ALA A 312 -20.69 -23.48 18.94
CA ALA A 312 -21.51 -24.48 18.26
C ALA A 312 -20.82 -25.82 18.38
N GLU A 313 -19.48 -25.74 18.34
CA GLU A 313 -18.42 -26.71 18.54
C GLU A 313 -18.44 -27.14 19.97
N GLU A 314 -18.68 -26.24 20.98
CA GLU A 314 -18.90 -26.61 22.38
C GLU A 314 -20.04 -27.57 22.47
N GLU A 315 -20.91 -27.55 21.44
CA GLU A 315 -22.04 -28.38 21.16
C GLU A 315 -23.22 -27.58 21.44
N GLU A 316 -23.03 -26.39 22.05
CA GLU A 316 -24.12 -25.49 22.26
C GLU A 316 -24.22 -24.72 20.98
N VAL A 317 -24.61 -23.42 21.01
CA VAL A 317 -25.00 -22.75 19.81
C VAL A 317 -24.02 -21.77 19.30
N GLY A 318 -23.90 -21.80 18.00
CA GLY A 318 -23.01 -20.97 17.30
C GLY A 318 -23.25 -21.31 15.88
N SER A 319 -24.01 -22.40 15.67
CA SER A 319 -24.53 -22.91 14.45
C SER A 319 -25.98 -22.79 14.74
N GLY A 320 -26.38 -22.86 16.03
CA GLY A 320 -27.70 -22.58 16.49
C GLY A 320 -27.77 -21.13 16.81
N SER A 321 -26.75 -20.39 16.35
CA SER A 321 -26.58 -19.01 16.53
C SER A 321 -25.51 -18.77 15.53
N HIS A 322 -25.83 -18.86 14.22
CA HIS A 322 -24.92 -18.79 13.08
C HIS A 322 -25.01 -17.54 12.24
N GLY A 323 -24.47 -17.70 11.00
CA GLY A 323 -24.28 -16.94 9.78
C GLY A 323 -25.36 -16.01 9.35
N GLU A 324 -26.56 -16.18 9.92
CA GLU A 324 -27.67 -15.36 9.58
C GLU A 324 -28.53 -15.20 10.78
N ASP A 325 -29.04 -16.35 11.26
CA ASP A 325 -30.19 -16.41 12.14
C ASP A 325 -30.10 -15.66 13.40
N PHE A 326 -29.24 -16.13 14.30
CA PHE A 326 -29.18 -15.67 15.65
C PHE A 326 -27.72 -15.66 15.87
N GLY A 327 -27.25 -15.02 16.98
CA GLY A 327 -25.89 -15.12 17.42
C GLY A 327 -25.06 -14.39 16.45
N ASP A 328 -24.93 -13.11 16.73
CA ASP A 328 -24.51 -12.13 15.75
C ASP A 328 -23.21 -12.29 15.03
N ILE A 329 -22.17 -12.79 15.67
CA ILE A 329 -20.80 -12.82 15.17
C ILE A 329 -20.73 -13.90 14.15
N MET A 330 -21.56 -14.85 14.47
CA MET A 330 -21.79 -16.02 13.82
C MET A 330 -22.51 -15.55 12.61
N ILE A 331 -23.53 -14.64 12.71
CA ILE A 331 -24.03 -13.95 11.53
C ILE A 331 -23.00 -13.24 10.70
N HIS A 332 -22.17 -12.46 11.43
CA HIS A 332 -21.35 -11.37 10.96
C HIS A 332 -20.27 -11.75 10.06
N GLN A 333 -19.50 -12.71 10.57
CA GLN A 333 -18.34 -13.26 9.98
C GLN A 333 -18.61 -13.74 8.62
N VAL A 334 -19.54 -14.67 8.39
CA VAL A 334 -19.93 -14.97 7.03
C VAL A 334 -20.21 -13.77 6.17
N ILE A 335 -20.84 -12.70 6.68
CA ILE A 335 -20.98 -11.53 5.85
C ILE A 335 -19.62 -10.92 5.57
N HIS A 336 -18.83 -10.80 6.64
CA HIS A 336 -17.66 -9.97 6.64
C HIS A 336 -16.57 -10.70 6.03
N THR A 337 -16.15 -11.81 6.60
CA THR A 337 -15.08 -12.63 6.15
C THR A 337 -15.27 -12.93 4.70
N ILE A 338 -16.49 -13.35 4.27
CA ILE A 338 -16.65 -13.87 2.93
C ILE A 338 -16.39 -12.75 2.02
N GLU A 339 -16.81 -11.55 2.41
CA GLU A 339 -16.39 -10.40 1.67
C GLU A 339 -14.90 -10.17 1.80
N PHE A 340 -14.36 -10.11 3.01
CA PHE A 340 -13.07 -9.58 3.34
C PHE A 340 -11.99 -10.27 2.60
N CYS A 341 -12.01 -11.59 2.57
CA CYS A 341 -11.00 -12.34 1.92
C CYS A 341 -11.00 -12.00 0.47
N LEU A 342 -12.19 -11.74 -0.07
CA LEU A 342 -12.30 -11.49 -1.48
C LEU A 342 -12.12 -10.06 -1.70
N ASN A 343 -12.01 -9.29 -0.62
CA ASN A 343 -11.66 -7.94 -0.79
C ASN A 343 -10.21 -7.97 -0.52
N CYS A 344 -9.57 -9.14 -0.30
CA CYS A 344 -8.16 -9.12 -0.37
C CYS A 344 -7.80 -9.21 -1.80
N VAL A 345 -8.77 -9.61 -2.67
CA VAL A 345 -8.63 -9.50 -4.10
C VAL A 345 -8.65 -8.08 -4.46
N SER A 346 -9.53 -7.32 -3.80
CA SER A 346 -9.57 -5.94 -4.09
C SER A 346 -8.36 -5.27 -3.56
N HIS A 347 -7.70 -5.85 -2.53
CA HIS A 347 -6.46 -5.31 -2.02
C HIS A 347 -5.48 -5.63 -3.04
N THR A 348 -5.67 -6.77 -3.73
CA THR A 348 -4.86 -7.04 -4.83
C THR A 348 -5.15 -6.00 -5.86
N ALA A 349 -6.38 -5.53 -6.08
CA ALA A 349 -6.40 -4.60 -7.18
C ALA A 349 -6.12 -3.26 -6.75
N SER A 350 -5.92 -3.12 -5.45
CA SER A 350 -5.51 -1.88 -4.94
C SER A 350 -4.17 -1.52 -5.43
N TYR A 351 -3.20 -2.43 -5.28
CA TYR A 351 -1.87 -1.94 -5.51
C TYR A 351 -1.71 -1.66 -6.91
N LEU A 352 -2.54 -2.32 -7.72
CA LEU A 352 -2.38 -2.21 -9.11
C LEU A 352 -2.61 -0.82 -9.47
N ARG A 353 -3.52 -0.18 -8.76
CA ARG A 353 -3.82 1.17 -9.01
C ARG A 353 -2.65 1.92 -8.64
N LEU A 354 -2.06 1.60 -7.51
CA LEU A 354 -0.90 2.34 -7.17
C LEU A 354 0.12 2.25 -8.24
N TRP A 355 0.30 1.06 -8.80
CA TRP A 355 1.17 0.89 -9.89
C TRP A 355 0.82 1.82 -10.97
N ALA A 356 -0.43 1.84 -11.31
CA ALA A 356 -0.81 2.60 -12.42
C ALA A 356 -0.60 4.02 -12.18
N LEU A 357 -0.86 4.46 -10.94
CA LEU A 357 -0.87 5.86 -10.69
C LEU A 357 0.46 6.32 -10.97
N SER A 358 1.41 5.58 -10.45
CA SER A 358 2.74 6.00 -10.64
C SER A 358 3.21 5.81 -11.99
N LEU A 359 2.69 4.83 -12.74
CA LEU A 359 3.28 4.53 -13.99
C LEU A 359 2.97 5.73 -14.75
N ALA A 360 1.72 6.06 -14.67
CA ALA A 360 1.24 7.20 -15.32
C ALA A 360 1.83 8.46 -14.88
N HIS A 361 2.12 8.64 -13.61
CA HIS A 361 2.60 9.93 -13.24
C HIS A 361 3.88 10.18 -13.90
N ALA A 362 4.70 9.15 -13.85
CA ALA A 362 6.00 9.18 -14.39
C ALA A 362 5.97 9.43 -15.82
N GLN A 363 5.03 8.82 -16.52
CA GLN A 363 5.02 9.09 -17.91
C GLN A 363 4.63 10.50 -18.12
N LEU A 364 3.70 11.00 -17.32
CA LEU A 364 3.18 12.31 -17.54
C LEU A 364 4.22 13.30 -17.48
N SER A 365 4.99 13.25 -16.42
CA SER A 365 6.03 14.19 -16.25
C SER A 365 7.01 14.02 -17.33
N SER A 366 7.17 12.78 -17.84
CA SER A 366 8.06 12.55 -18.91
C SER A 366 7.66 13.34 -20.08
N VAL A 367 6.36 13.37 -20.35
CA VAL A 367 5.82 14.11 -21.43
C VAL A 367 6.00 15.55 -21.18
N LEU A 368 5.80 15.98 -19.95
CA LEU A 368 5.85 17.37 -19.64
C LEU A 368 7.21 17.86 -19.95
N TRP A 369 8.22 17.02 -19.66
CA TRP A 369 9.61 17.28 -19.89
C TRP A 369 9.78 17.42 -21.36
N THR A 370 9.15 16.56 -22.16
CA THR A 370 9.22 16.69 -23.57
C THR A 370 8.68 18.03 -23.97
N MET A 371 7.56 18.52 -23.45
CA MET A 371 7.12 19.82 -23.86
C MET A 371 8.02 20.98 -23.52
N THR A 372 8.60 21.05 -22.31
CA THR A 372 9.49 22.13 -21.93
C THR A 372 10.70 22.28 -22.80
N ILE A 373 11.29 21.13 -23.12
CA ILE A 373 12.47 21.02 -23.92
C ILE A 373 12.07 21.31 -25.31
N GLN A 374 10.88 20.83 -25.72
CA GLN A 374 10.31 20.99 -27.04
C GLN A 374 10.20 22.41 -27.34
N ILE A 375 9.91 23.23 -26.34
CA ILE A 375 9.87 24.64 -26.57
C ILE A 375 11.27 25.11 -26.85
N ALA A 376 12.30 24.69 -26.10
CA ALA A 376 13.55 25.40 -26.25
C ALA A 376 14.44 25.18 -27.48
N PHE A 377 14.97 23.98 -27.73
CA PHE A 377 16.08 23.81 -28.69
C PHE A 377 15.98 24.23 -30.17
N GLY A 378 14.86 24.02 -30.90
CA GLY A 378 14.78 24.39 -32.32
C GLY A 378 14.73 25.86 -32.59
N PHE A 379 14.82 26.26 -33.89
CA PHE A 379 14.73 27.65 -34.27
C PHE A 379 14.54 27.78 -35.77
N ARG A 380 15.00 28.92 -36.37
CA ARG A 380 14.67 29.41 -37.70
C ARG A 380 15.87 30.10 -38.37
N GLY A 381 16.83 30.60 -37.57
CA GLY A 381 17.96 31.34 -38.08
C GLY A 381 17.89 32.73 -37.55
N PHE A 382 17.09 32.92 -36.47
CA PHE A 382 17.03 34.17 -35.75
C PHE A 382 17.31 33.81 -34.32
N VAL A 383 18.51 34.25 -33.87
CA VAL A 383 19.14 34.07 -32.57
C VAL A 383 18.38 34.86 -31.57
N GLY A 384 17.96 36.07 -32.00
CA GLY A 384 17.13 36.97 -31.26
C GLY A 384 15.86 36.28 -30.90
N VAL A 385 15.32 35.45 -31.82
CA VAL A 385 14.14 34.68 -31.52
C VAL A 385 14.50 33.67 -30.48
N PHE A 386 15.65 32.98 -30.54
CA PHE A 386 16.01 32.05 -29.46
C PHE A 386 16.08 32.67 -28.04
N MET A 387 16.80 33.81 -27.88
CA MET A 387 17.08 34.44 -26.60
C MET A 387 15.84 34.88 -25.89
N THR A 388 14.80 35.21 -26.68
CA THR A 388 13.47 35.59 -26.28
C THR A 388 12.56 34.43 -25.94
N VAL A 389 12.52 33.39 -26.82
CA VAL A 389 11.44 32.43 -26.81
C VAL A 389 11.61 31.51 -25.68
N ALA A 390 12.84 31.42 -25.14
CA ALA A 390 13.08 30.49 -24.06
C ALA A 390 12.28 30.85 -22.80
N LEU A 391 11.82 32.10 -22.66
CA LEU A 391 11.07 32.48 -21.48
C LEU A 391 9.75 31.76 -21.38
N PHE A 392 9.10 31.43 -22.51
CA PHE A 392 7.80 30.84 -22.45
C PHE A 392 7.93 29.42 -22.00
N ALA A 393 9.10 28.81 -22.23
CA ALA A 393 9.41 27.46 -21.85
C ALA A 393 9.43 27.34 -20.40
N MET A 394 10.00 28.35 -19.74
CA MET A 394 10.18 28.30 -18.32
C MET A 394 8.88 28.60 -17.66
N TRP A 395 8.02 29.38 -18.34
CA TRP A 395 6.69 29.58 -17.87
C TRP A 395 5.92 28.33 -18.05
N PHE A 396 6.29 27.54 -19.07
CA PHE A 396 5.67 26.27 -19.25
C PHE A 396 6.06 25.37 -18.15
N ALA A 397 7.33 25.37 -17.71
CA ALA A 397 7.69 24.54 -16.61
C ALA A 397 6.94 24.95 -15.40
N LEU A 398 6.64 26.27 -15.32
CA LEU A 398 5.78 26.78 -14.32
C LEU A 398 4.42 26.21 -14.40
N THR A 399 3.85 26.02 -15.59
CA THR A 399 2.54 25.41 -15.66
C THR A 399 2.60 23.98 -15.24
N CYS A 400 3.67 23.29 -15.65
CA CYS A 400 3.83 21.88 -15.41
C CYS A 400 3.75 21.57 -13.98
N ALA A 401 4.41 22.38 -13.17
CA ALA A 401 4.34 22.17 -11.77
C ALA A 401 2.96 22.27 -11.23
N VAL A 402 2.13 23.22 -11.71
CA VAL A 402 0.82 23.35 -11.14
C VAL A 402 0.04 22.16 -11.46
N LEU A 403 0.20 21.70 -12.70
CA LEU A 403 -0.49 20.52 -13.11
C LEU A 403 -0.04 19.34 -12.34
N VAL A 404 1.27 19.27 -12.06
CA VAL A 404 1.90 18.16 -11.40
C VAL A 404 1.35 18.04 -10.04
N LEU A 405 1.24 19.19 -9.35
CA LEU A 405 0.81 19.24 -8.01
C LEU A 405 -0.59 18.84 -8.01
N MET A 406 -1.35 19.29 -9.00
CA MET A 406 -2.74 19.03 -9.02
C MET A 406 -2.96 17.58 -9.12
N GLU A 407 -2.36 16.94 -10.11
CA GLU A 407 -2.58 15.55 -10.29
C GLU A 407 -2.02 14.87 -9.13
N GLY A 408 -0.95 15.42 -8.60
CA GLY A 408 -0.29 14.85 -7.52
C GLY A 408 -1.20 14.79 -6.41
N THR A 409 -1.95 15.83 -6.14
CA THR A 409 -2.87 15.78 -5.07
C THR A 409 -3.84 14.70 -5.27
N SER A 410 -4.36 14.61 -6.48
CA SER A 410 -5.38 13.65 -6.73
C SER A 410 -4.92 12.30 -6.49
N ALA A 411 -3.73 12.04 -6.94
CA ALA A 411 -3.15 10.80 -6.74
C ALA A 411 -2.88 10.60 -5.36
N MET A 412 -2.55 11.66 -4.63
CA MET A 412 -2.15 11.44 -3.30
C MET A 412 -3.32 11.05 -2.60
N LEU A 413 -4.42 11.64 -3.01
CA LEU A 413 -5.67 11.30 -2.51
C LEU A 413 -5.94 9.98 -2.91
N HIS A 414 -5.47 9.55 -4.06
CA HIS A 414 -5.84 8.28 -4.56
C HIS A 414 -5.14 7.39 -3.68
N SER A 415 -3.90 7.66 -3.41
CA SER A 415 -3.15 6.88 -2.54
C SER A 415 -3.68 6.96 -1.19
N LEU A 416 -4.40 8.04 -0.88
CA LEU A 416 -5.02 8.17 0.39
C LEU A 416 -5.99 7.12 0.43
N ARG A 417 -6.75 6.96 -0.63
CA ARG A 417 -7.82 6.04 -0.74
C ARG A 417 -7.29 4.69 -0.87
N LEU A 418 -6.12 4.56 -1.44
CA LEU A 418 -5.50 3.31 -1.47
C LEU A 418 -5.20 2.97 -0.10
N HIS A 419 -4.69 3.85 0.74
CA HIS A 419 -4.66 3.55 2.12
C HIS A 419 -6.02 3.52 2.67
N TRP A 420 -7.01 4.29 2.23
CA TRP A 420 -8.25 4.32 2.92
C TRP A 420 -8.81 2.99 2.89
N VAL A 421 -8.89 2.33 1.72
CA VAL A 421 -9.25 0.97 1.82
C VAL A 421 -8.17 0.15 2.40
N GLU A 422 -6.95 0.20 1.91
CA GLU A 422 -5.88 -0.62 2.43
C GLU A 422 -5.24 -0.54 3.78
N SER A 423 -4.93 0.63 4.32
CA SER A 423 -4.33 0.77 5.62
C SER A 423 -5.37 0.34 6.56
N MET A 424 -6.51 1.01 6.42
CA MET A 424 -7.61 1.03 7.26
C MET A 424 -8.20 -0.36 7.17
N SER A 425 -8.09 -1.09 6.01
CA SER A 425 -8.68 -2.39 5.79
C SER A 425 -8.11 -3.33 6.72
N LYS A 426 -6.95 -3.01 7.27
CA LYS A 426 -6.51 -3.70 8.39
C LYS A 426 -6.75 -2.89 9.61
N PHE A 427 -6.51 -1.56 9.66
CA PHE A 427 -6.63 -0.87 10.93
C PHE A 427 -7.95 -0.82 11.72
N PHE A 428 -9.24 -0.65 11.26
CA PHE A 428 -10.35 -0.62 12.26
C PHE A 428 -11.56 -1.42 11.85
N VAL A 429 -11.27 -2.48 11.11
CA VAL A 429 -11.97 -3.68 10.69
C VAL A 429 -11.39 -3.94 9.32
N GLY A 430 -11.93 -4.96 8.61
CA GLY A 430 -11.49 -5.48 7.36
C GLY A 430 -11.50 -4.50 6.24
N GLU A 431 -12.15 -3.34 6.42
CA GLU A 431 -12.17 -2.31 5.41
C GLU A 431 -11.78 -1.05 6.17
N GLY A 432 -12.08 -0.98 7.52
CA GLY A 432 -11.70 0.08 8.45
C GLY A 432 -12.80 0.86 9.14
N LEU A 433 -13.19 2.04 8.53
CA LEU A 433 -14.31 2.92 8.87
C LEU A 433 -14.28 4.25 8.07
N PRO A 434 -15.46 4.68 7.54
CA PRO A 434 -15.59 5.75 6.57
C PRO A 434 -15.51 7.08 7.19
N TYR A 435 -15.44 7.24 8.54
CA TYR A 435 -15.24 8.54 9.12
C TYR A 435 -13.82 8.69 8.76
N GLU A 436 -13.66 9.68 7.88
CA GLU A 436 -12.62 9.64 6.93
C GLU A 436 -11.51 10.18 7.69
N PRO A 437 -10.27 9.90 7.27
CA PRO A 437 -9.00 10.29 7.86
C PRO A 437 -9.16 11.51 8.61
N PHE A 438 -9.57 12.49 7.82
CA PHE A 438 -10.28 13.63 8.27
C PHE A 438 -11.60 13.57 7.60
N ALA A 439 -12.55 14.37 8.08
CA ALA A 439 -13.87 14.46 7.53
C ALA A 439 -14.50 15.64 8.21
N PHE A 440 -13.80 16.22 9.23
CA PHE A 440 -14.26 17.28 10.08
C PHE A 440 -13.11 18.24 10.15
N GLU A 441 -12.37 18.34 11.29
CA GLU A 441 -11.22 19.21 11.47
C GLU A 441 -10.19 18.79 10.46
N TYR A 442 -9.65 19.78 9.72
CA TYR A 442 -8.75 19.66 8.58
C TYR A 442 -7.42 18.98 8.78
N LYS A 443 -7.28 18.01 9.73
CA LYS A 443 -6.02 17.36 10.04
C LYS A 443 -6.18 15.93 10.55
N ASP A 444 -7.28 15.20 10.30
CA ASP A 444 -7.48 13.98 11.04
C ASP A 444 -6.99 12.83 10.28
N MET A 445 -6.43 13.13 9.11
CA MET A 445 -5.53 12.23 8.48
C MET A 445 -4.42 12.29 9.45
N GLU A 446 -4.00 13.52 9.74
CA GLU A 446 -3.01 13.89 10.68
C GLU A 446 -3.36 13.38 12.00
N VAL A 447 -4.64 13.11 12.36
CA VAL A 447 -5.05 12.83 13.74
C VAL A 447 -4.33 11.63 14.27
N ALA A 448 -3.67 10.88 13.39
CA ALA A 448 -2.81 9.78 13.76
C ALA A 448 -1.76 10.16 14.80
N VAL A 449 -1.29 11.44 14.74
CA VAL A 449 -0.29 12.03 15.60
C VAL A 449 -0.64 12.01 17.08
N ALA A 450 0.40 11.55 17.83
CA ALA A 450 0.54 11.29 19.22
C ALA A 450 0.21 12.46 20.04
N SER A 451 0.71 13.66 19.65
CA SER A 451 0.52 14.78 20.50
C SER A 451 -0.93 15.12 20.52
N ALA A 452 -1.67 14.77 19.48
CA ALA A 452 -3.09 14.89 19.54
C ALA A 452 -3.77 13.67 20.07
N SER A 453 -3.12 12.48 20.09
CA SER A 453 -3.76 11.20 20.31
C SER A 453 -4.83 11.21 21.32
N SER A 454 -6.06 10.89 20.86
CA SER A 454 -7.22 10.97 21.69
C SER A 454 -7.45 9.60 22.23
N SER A 455 -6.43 8.75 21.99
CA SER A 455 -6.23 7.43 22.48
C SER A 455 -4.93 7.52 23.22
N ALA A 456 -4.78 6.80 24.35
CA ALA A 456 -3.51 6.77 25.04
C ALA A 456 -2.60 5.95 24.23
N SER A 457 -3.18 4.83 23.88
CA SER A 457 -2.75 3.87 22.95
C SER A 457 -4.05 3.20 22.69
N SER A 458 -5.07 3.50 23.52
CA SER A 458 -6.32 2.86 23.50
C SER A 458 -7.27 4.03 23.56
#